data_4JDW
#
_entry.id   4JDW
#
_cell.length_a   83.780
_cell.length_b   83.780
_cell.length_c   199.450
_cell.angle_alpha   90.00
_cell.angle_beta   90.00
_cell.angle_gamma   90.00
#
_symmetry.space_group_name_H-M   'P 43 21 2'
#
loop_
_entity.id
_entity.type
_entity.pdbx_description
1 polymer 'L-ARGININE\:GLYCINE AMIDINOTRANSFERASE'
2 non-polymer ARGININE
3 water water
#
_entity_poly.entity_id   1
_entity_poly.type   'polypeptide(L)'
_entity_poly.pdbx_seq_one_letter_code
;MLRVRCLRGGSRGAEAVHYIGSRLGRTLTGWVQRTFQSTQAATASSRNSCAADDKATEPLPKDCPVSSYNEWDPLEEVIV
GRAENACVPPFTIEVKANTYEKYWPFYQKQGGHYFPKDHLKKAVAEIEEMCNILKTEGVTVRRPDPIDWSLKYKTPDFES
TGLYSAMPRDILIVVGNEIIEAPMAWRSRFFEYRAYRSIIKDYFHRGAKWTTAPKPTMADELYNQDYPIHSVEDRHKLAA
QGKFVTTEFEPCFDAADFIRAGRDIFAQRSQVTNYLGIEWMRRHLAPDYRVHIISFKDPNPMHIDATFNIIGPGIVLSNP
DRPCHQIDLFKKAGWTIITPPTPIIPDDHPLWMSSKWLSMNVLMLDEKRVMVDANEVPIQKMFEKLGITTIKVNIRNANS
LGGGFHAWTCDVRRRGTLQSYLD
;
_entity_poly.pdbx_strand_id   A
#
# COMPACT_ATOMS: atom_id res chain seq x y z
N CYS A 64 14.47 -11.74 -17.70
CA CYS A 64 13.18 -11.82 -16.94
C CYS A 64 12.70 -10.38 -16.72
N PRO A 65 11.44 -10.12 -17.06
CA PRO A 65 10.82 -8.81 -16.91
C PRO A 65 10.75 -8.42 -15.45
N VAL A 66 10.58 -9.43 -14.60
CA VAL A 66 10.44 -9.25 -13.17
C VAL A 66 11.74 -9.36 -12.45
N SER A 67 12.10 -8.29 -11.75
CA SER A 67 13.32 -8.26 -10.96
C SER A 67 13.41 -7.01 -10.09
N SER A 68 13.05 -7.10 -8.80
CA SER A 68 13.14 -5.94 -7.92
C SER A 68 13.42 -6.40 -6.48
N TYR A 69 14.50 -5.89 -5.87
CA TYR A 69 14.89 -6.28 -4.51
C TYR A 69 14.70 -5.26 -3.42
N ASN A 70 14.34 -4.04 -3.79
CA ASN A 70 14.17 -2.95 -2.82
C ASN A 70 13.36 -1.83 -3.45
N GLU A 71 13.20 -0.73 -2.71
CA GLU A 71 12.41 0.41 -3.15
C GLU A 71 13.13 1.56 -3.90
N TRP A 72 14.45 1.47 -4.07
CA TRP A 72 15.22 2.56 -4.67
C TRP A 72 16.06 2.39 -5.93
N ASP A 73 16.48 1.16 -6.24
CA ASP A 73 17.29 0.95 -7.44
C ASP A 73 16.59 1.51 -8.68
N PRO A 74 17.36 1.91 -9.71
CA PRO A 74 16.85 2.46 -10.97
C PRO A 74 15.61 1.72 -11.51
N LEU A 75 14.47 2.39 -11.50
CA LEU A 75 13.20 1.81 -11.96
C LEU A 75 13.11 1.66 -13.46
N GLU A 76 12.64 0.51 -13.92
CA GLU A 76 12.50 0.25 -15.34
C GLU A 76 11.11 -0.14 -15.77
N GLU A 77 10.35 -0.80 -14.90
CA GLU A 77 9.00 -1.20 -15.26
C GLU A 77 8.12 -1.08 -14.04
N VAL A 78 6.88 -0.67 -14.25
CA VAL A 78 5.99 -0.48 -13.14
C VAL A 78 4.56 -0.72 -13.59
N ILE A 79 3.69 -1.10 -12.66
CA ILE A 79 2.28 -1.27 -12.96
C ILE A 79 1.69 -0.07 -12.25
N VAL A 80 0.75 0.62 -12.89
CA VAL A 80 0.12 1.78 -12.29
C VAL A 80 -1.39 1.48 -12.27
N GLY A 81 -2.04 1.73 -11.16
CA GLY A 81 -3.46 1.43 -11.03
C GLY A 81 -4.44 2.22 -11.86
N ARG A 82 -5.73 1.91 -11.71
CA ARG A 82 -6.82 2.57 -12.42
C ARG A 82 -7.85 3.09 -11.45
N ALA A 83 -8.43 4.25 -11.76
CA ALA A 83 -9.46 4.88 -10.94
C ALA A 83 -10.84 4.49 -11.44
N GLU A 84 -10.90 4.00 -12.69
CA GLU A 84 -12.15 3.60 -13.32
C GLU A 84 -13.06 2.66 -12.53
N ASN A 85 -14.35 3.00 -12.48
CA ASN A 85 -15.37 2.17 -11.82
C ASN A 85 -15.18 1.84 -10.36
N ALA A 86 -14.34 2.61 -9.68
CA ALA A 86 -14.09 2.43 -8.29
C ALA A 86 -15.45 2.49 -7.59
N CYS A 87 -15.65 1.68 -6.54
CA CYS A 87 -16.91 1.64 -5.79
C CYS A 87 -16.72 1.75 -4.29
N VAL A 88 -17.65 2.44 -3.63
CA VAL A 88 -17.60 2.59 -2.18
C VAL A 88 -17.86 1.19 -1.59
N PRO A 89 -16.99 0.71 -0.70
CA PRO A 89 -17.19 -0.62 -0.11
C PRO A 89 -18.41 -0.69 0.80
N PRO A 90 -19.00 -1.88 0.98
CA PRO A 90 -20.16 -2.00 1.86
C PRO A 90 -19.61 -1.69 3.25
N PHE A 91 -20.40 -1.00 4.07
CA PHE A 91 -19.94 -0.58 5.39
C PHE A 91 -19.93 -1.69 6.45
N THR A 92 -19.00 -2.63 6.28
CA THR A 92 -18.86 -3.75 7.21
C THR A 92 -17.80 -3.43 8.25
N ILE A 93 -17.75 -4.25 9.30
CA ILE A 93 -16.83 -4.09 10.41
C ILE A 93 -15.43 -3.62 10.05
N GLU A 94 -14.78 -4.29 9.11
CA GLU A 94 -13.42 -3.93 8.73
C GLU A 94 -13.33 -2.59 8.01
N VAL A 95 -14.37 -2.24 7.25
CA VAL A 95 -14.42 -0.95 6.56
C VAL A 95 -14.64 0.17 7.59
N LYS A 96 -15.60 -0.05 8.51
CA LYS A 96 -15.91 0.91 9.56
C LYS A 96 -14.69 1.20 10.41
N ALA A 97 -13.89 0.18 10.67
CA ALA A 97 -12.69 0.33 11.47
C ALA A 97 -11.67 1.27 10.81
N ASN A 98 -11.70 1.36 9.48
CA ASN A 98 -10.76 2.21 8.77
C ASN A 98 -11.25 3.64 8.52
N THR A 99 -12.57 3.81 8.42
CA THR A 99 -13.14 5.11 8.13
C THR A 99 -13.29 6.12 9.26
N TYR A 100 -12.90 7.36 8.97
CA TYR A 100 -12.99 8.47 9.90
C TYR A 100 -14.45 8.85 10.06
N GLU A 101 -14.88 9.12 11.29
CA GLU A 101 -16.27 9.54 11.61
C GLU A 101 -16.85 10.48 10.58
N LYS A 102 -16.01 11.42 10.17
CA LYS A 102 -16.35 12.42 9.18
C LYS A 102 -17.02 11.81 7.93
N TYR A 103 -16.53 10.67 7.44
CA TYR A 103 -17.08 10.05 6.25
C TYR A 103 -18.11 8.96 6.42
N TRP A 104 -18.48 8.64 7.65
CA TRP A 104 -19.47 7.60 7.86
C TRP A 104 -20.79 7.76 7.10
N PRO A 105 -21.33 8.99 7.01
CA PRO A 105 -22.60 9.15 6.28
C PRO A 105 -22.40 8.79 4.79
N PHE A 106 -21.28 9.25 4.25
CA PHE A 106 -20.92 9.00 2.85
C PHE A 106 -20.91 7.50 2.61
N TYR A 107 -20.33 6.75 3.54
CA TYR A 107 -20.23 5.31 3.38
C TYR A 107 -21.57 4.67 3.56
N GLN A 108 -22.29 5.09 4.59
CA GLN A 108 -23.61 4.55 4.85
C GLN A 108 -24.59 4.72 3.68
N LYS A 109 -24.43 5.79 2.90
CA LYS A 109 -25.32 6.01 1.77
C LYS A 109 -24.75 5.56 0.44
N GLN A 110 -23.46 5.73 0.26
CA GLN A 110 -22.83 5.38 -0.98
C GLN A 110 -22.41 3.94 -1.15
N GLY A 111 -22.27 3.23 -0.04
CA GLY A 111 -21.86 1.83 -0.07
C GLY A 111 -22.46 1.04 -1.20
N GLY A 112 -21.60 0.42 -2.01
CA GLY A 112 -22.06 -0.37 -3.13
C GLY A 112 -22.22 0.37 -4.44
N HIS A 113 -22.13 1.69 -4.39
CA HIS A 113 -22.24 2.51 -5.60
C HIS A 113 -20.88 3.11 -5.89
N TYR A 114 -20.68 3.57 -7.12
CA TYR A 114 -19.42 4.18 -7.53
C TYR A 114 -19.07 5.40 -6.69
N PHE A 115 -17.77 5.64 -6.55
CA PHE A 115 -17.33 6.84 -5.86
C PHE A 115 -17.76 7.95 -6.85
N PRO A 116 -17.99 9.19 -6.36
CA PRO A 116 -18.42 10.36 -7.17
C PRO A 116 -17.77 10.40 -8.56
N LYS A 117 -18.58 10.18 -9.60
CA LYS A 117 -18.07 10.15 -10.97
C LYS A 117 -17.29 11.40 -11.38
N ASP A 118 -17.72 12.56 -10.90
CA ASP A 118 -17.04 13.81 -11.19
C ASP A 118 -15.60 13.78 -10.65
N HIS A 119 -15.43 13.18 -9.48
CA HIS A 119 -14.12 13.06 -8.85
C HIS A 119 -13.27 12.01 -9.56
N LEU A 120 -13.88 10.91 -9.99
CA LEU A 120 -13.14 9.86 -10.67
C LEU A 120 -12.55 10.32 -11.98
N LYS A 121 -13.25 11.23 -12.66
CA LYS A 121 -12.79 11.76 -13.95
C LYS A 121 -11.48 12.54 -13.74
N LYS A 122 -11.38 13.30 -12.65
CA LYS A 122 -10.17 14.06 -12.35
C LYS A 122 -9.00 13.18 -11.97
N ALA A 123 -9.30 12.10 -11.25
CA ALA A 123 -8.30 11.12 -10.82
C ALA A 123 -7.75 10.41 -12.05
N VAL A 124 -8.63 10.04 -12.97
CA VAL A 124 -8.19 9.40 -14.21
C VAL A 124 -7.22 10.32 -14.94
N ALA A 125 -7.58 11.61 -15.03
CA ALA A 125 -6.74 12.64 -15.69
C ALA A 125 -5.37 12.72 -15.04
N GLU A 126 -5.36 12.88 -13.72
CA GLU A 126 -4.13 12.93 -12.93
C GLU A 126 -3.23 11.71 -13.14
N ILE A 127 -3.80 10.51 -13.18
CA ILE A 127 -2.99 9.30 -13.35
C ILE A 127 -2.46 9.15 -14.77
N GLU A 128 -3.22 9.61 -15.76
CA GLU A 128 -2.72 9.57 -17.16
C GLU A 128 -1.46 10.44 -17.30
N GLU A 129 -1.48 11.59 -16.63
CA GLU A 129 -0.36 12.51 -16.64
C GLU A 129 0.83 11.87 -15.93
N MET A 130 0.58 11.22 -14.79
CA MET A 130 1.63 10.54 -14.06
C MET A 130 2.24 9.45 -14.93
N CYS A 131 1.42 8.78 -15.74
CA CYS A 131 1.97 7.74 -16.62
C CYS A 131 2.81 8.35 -17.74
N ASN A 132 2.39 9.53 -18.20
CA ASN A 132 3.11 10.27 -19.24
C ASN A 132 4.50 10.55 -18.71
N ILE A 133 4.54 11.11 -17.51
CA ILE A 133 5.81 11.43 -16.87
C ILE A 133 6.72 10.21 -16.66
N LEU A 134 6.17 9.10 -16.18
CA LEU A 134 6.96 7.90 -15.99
C LEU A 134 7.53 7.50 -17.32
N LYS A 135 6.74 7.63 -18.38
CA LYS A 135 7.22 7.28 -19.72
C LYS A 135 8.41 8.14 -20.14
N THR A 136 8.35 9.43 -19.82
CA THR A 136 9.41 10.39 -20.12
C THR A 136 10.68 10.03 -19.34
N GLU A 137 10.49 9.62 -18.08
CA GLU A 137 11.62 9.22 -17.23
C GLU A 137 12.21 7.85 -17.61
N GLY A 138 11.73 7.26 -18.70
CA GLY A 138 12.26 5.99 -19.14
C GLY A 138 11.71 4.74 -18.44
N VAL A 139 10.47 4.80 -17.96
CA VAL A 139 9.87 3.67 -17.28
C VAL A 139 8.76 3.05 -18.11
N THR A 140 8.79 1.72 -18.26
CA THR A 140 7.75 1.00 -18.99
C THR A 140 6.54 0.92 -18.04
N VAL A 141 5.38 1.36 -18.51
CA VAL A 141 4.17 1.34 -17.70
C VAL A 141 3.15 0.29 -18.13
N ARG A 142 2.68 -0.53 -17.19
CA ARG A 142 1.63 -1.51 -17.51
C ARG A 142 0.44 -1.08 -16.66
N ARG A 143 -0.77 -1.35 -17.12
CA ARG A 143 -1.97 -0.95 -16.39
C ARG A 143 -2.90 -2.15 -16.29
N PRO A 144 -3.66 -2.24 -15.19
CA PRO A 144 -4.60 -3.33 -14.95
C PRO A 144 -5.65 -3.30 -16.05
N ASP A 145 -6.48 -4.34 -16.14
CA ASP A 145 -7.54 -4.36 -17.14
C ASP A 145 -8.73 -3.66 -16.51
N PRO A 146 -9.57 -2.99 -17.33
CA PRO A 146 -10.76 -2.29 -16.83
C PRO A 146 -11.84 -3.30 -16.41
N ILE A 147 -12.41 -3.07 -15.23
CA ILE A 147 -13.40 -3.97 -14.68
C ILE A 147 -14.48 -3.19 -13.97
N ASP A 148 -15.71 -3.70 -13.99
CA ASP A 148 -16.77 -3.03 -13.25
C ASP A 148 -16.74 -3.62 -11.84
N TRP A 149 -16.40 -2.79 -10.85
CA TRP A 149 -16.30 -3.21 -9.46
C TRP A 149 -17.62 -3.23 -8.76
N SER A 150 -18.68 -2.93 -9.49
CA SER A 150 -19.99 -2.93 -8.87
C SER A 150 -20.64 -4.32 -8.91
N LEU A 151 -20.06 -5.26 -9.67
CA LEU A 151 -20.63 -6.60 -9.77
C LEU A 151 -20.63 -7.24 -8.38
N LYS A 152 -21.78 -7.78 -8.00
CA LYS A 152 -21.93 -8.43 -6.72
C LYS A 152 -21.53 -9.90 -6.82
N TYR A 153 -20.64 -10.33 -5.95
CA TYR A 153 -20.22 -11.72 -5.94
C TYR A 153 -20.62 -12.40 -4.62
N LYS A 154 -20.58 -13.71 -4.64
CA LYS A 154 -20.97 -14.49 -3.49
C LYS A 154 -20.18 -15.77 -3.32
N THR A 155 -19.39 -15.84 -2.25
CA THR A 155 -18.65 -17.06 -1.96
C THR A 155 -19.54 -17.84 -0.98
N PRO A 156 -19.11 -19.03 -0.52
CA PRO A 156 -20.01 -19.74 0.40
C PRO A 156 -20.03 -19.09 1.79
N ASP A 157 -19.05 -18.23 2.05
CA ASP A 157 -18.92 -17.56 3.32
C ASP A 157 -19.46 -16.13 3.42
N PHE A 158 -19.66 -15.47 2.28
CA PHE A 158 -20.12 -14.09 2.29
C PHE A 158 -20.50 -13.60 0.91
N GLU A 159 -21.10 -12.42 0.89
CA GLU A 159 -21.56 -11.76 -0.32
C GLU A 159 -21.06 -10.29 -0.35
N SER A 160 -20.64 -9.79 -1.51
CA SER A 160 -20.15 -8.43 -1.55
C SER A 160 -19.99 -7.78 -2.92
N THR A 161 -19.79 -6.46 -2.93
CA THR A 161 -19.51 -5.76 -4.18
C THR A 161 -18.02 -5.42 -4.07
N GLY A 162 -17.37 -5.12 -5.20
CA GLY A 162 -15.94 -4.82 -5.21
C GLY A 162 -15.49 -3.39 -4.86
N LEU A 163 -14.18 -3.16 -4.87
CA LEU A 163 -13.61 -1.84 -4.55
C LEU A 163 -12.99 -1.16 -5.79
N TYR A 164 -11.76 -1.50 -6.13
CA TYR A 164 -11.09 -0.93 -7.29
C TYR A 164 -9.77 -1.62 -7.55
N SER A 165 -9.06 -1.19 -8.59
CA SER A 165 -7.74 -1.73 -8.88
C SER A 165 -6.83 -0.50 -9.00
N ALA A 166 -7.02 0.43 -8.08
CA ALA A 166 -6.29 1.68 -8.03
C ALA A 166 -4.91 1.53 -7.38
N MET A 167 -4.82 0.65 -6.38
CA MET A 167 -3.58 0.48 -5.64
C MET A 167 -2.87 -0.85 -5.87
N PRO A 168 -1.99 -0.93 -6.88
CA PRO A 168 -1.30 -2.19 -7.11
C PRO A 168 -0.48 -2.63 -5.87
N ARG A 169 0.05 -1.66 -5.13
CA ARG A 169 0.89 -1.89 -3.96
C ARG A 169 0.15 -2.67 -2.88
N ASP A 170 -1.17 -2.51 -2.84
CA ASP A 170 -1.99 -3.16 -1.84
C ASP A 170 -2.07 -4.66 -2.03
N ILE A 171 -2.03 -5.09 -3.29
CA ILE A 171 -2.18 -6.49 -3.67
C ILE A 171 -0.94 -7.21 -4.23
N LEU A 172 0.01 -6.48 -4.84
CA LEU A 172 1.20 -7.13 -5.39
C LEU A 172 2.50 -6.70 -4.76
N ILE A 173 3.42 -7.64 -4.58
CA ILE A 173 4.74 -7.32 -4.06
C ILE A 173 5.67 -8.19 -4.89
N VAL A 174 6.82 -7.62 -5.28
CA VAL A 174 7.83 -8.33 -6.06
C VAL A 174 9.06 -8.54 -5.18
N VAL A 175 9.45 -9.81 -5.00
CA VAL A 175 10.67 -10.11 -4.22
C VAL A 175 11.55 -10.85 -5.22
N GLY A 176 12.61 -10.19 -5.68
CA GLY A 176 13.48 -10.80 -6.66
C GLY A 176 12.75 -10.95 -7.99
N ASN A 177 12.70 -12.17 -8.51
CA ASN A 177 12.06 -12.51 -9.78
C ASN A 177 10.73 -13.16 -9.56
N GLU A 178 10.13 -12.85 -8.43
CA GLU A 178 8.87 -13.46 -8.09
C GLU A 178 7.80 -12.43 -7.74
N ILE A 179 6.62 -12.60 -8.33
CA ILE A 179 5.45 -11.76 -8.06
C ILE A 179 4.57 -12.54 -7.08
N ILE A 180 4.14 -11.87 -6.02
CA ILE A 180 3.32 -12.49 -5.01
C ILE A 180 2.01 -11.70 -4.90
N GLU A 181 0.88 -12.40 -5.03
CA GLU A 181 -0.43 -11.80 -4.90
C GLU A 181 -0.83 -12.03 -3.44
N ALA A 182 -1.07 -10.95 -2.69
CA ALA A 182 -1.49 -11.03 -1.29
C ALA A 182 -2.94 -11.51 -1.28
N PRO A 183 -3.37 -12.21 -0.19
CA PRO A 183 -4.73 -12.73 -0.03
C PRO A 183 -5.82 -11.65 0.16
N MET A 184 -5.45 -10.56 0.85
CA MET A 184 -6.31 -9.43 1.19
C MET A 184 -7.04 -9.79 2.49
N ALA A 185 -7.73 -8.82 3.08
CA ALA A 185 -8.47 -9.03 4.32
C ALA A 185 -9.86 -8.41 4.26
N TRP A 186 -10.11 -7.65 3.20
CA TRP A 186 -11.38 -6.98 2.99
C TRP A 186 -12.23 -7.77 2.05
N ARG A 187 -13.51 -7.88 2.39
CA ARG A 187 -14.42 -8.65 1.57
C ARG A 187 -14.58 -8.06 0.20
N SER A 188 -14.59 -6.74 0.13
CA SER A 188 -14.74 -6.03 -1.14
C SER A 188 -13.51 -6.15 -2.04
N ARG A 189 -12.44 -6.78 -1.54
CA ARG A 189 -11.21 -6.91 -2.32
C ARG A 189 -10.84 -8.34 -2.59
N PHE A 190 -11.78 -9.25 -2.32
CA PHE A 190 -11.56 -10.68 -2.54
C PHE A 190 -11.16 -11.04 -3.97
N PHE A 191 -11.84 -10.44 -4.95
CA PHE A 191 -11.52 -10.72 -6.37
C PHE A 191 -10.71 -9.60 -7.06
N GLU A 192 -10.02 -8.78 -6.27
CA GLU A 192 -9.23 -7.70 -6.83
C GLU A 192 -8.14 -8.18 -7.79
N TYR A 193 -7.59 -9.36 -7.54
CA TYR A 193 -6.54 -9.94 -8.38
C TYR A 193 -6.91 -10.10 -9.86
N ARG A 194 -8.21 -10.17 -10.16
CA ARG A 194 -8.70 -10.36 -11.52
C ARG A 194 -8.23 -9.30 -12.52
N ALA A 195 -8.05 -8.07 -12.02
CA ALA A 195 -7.59 -6.96 -12.85
C ALA A 195 -6.16 -7.10 -13.33
N TYR A 196 -5.33 -7.81 -12.57
CA TYR A 196 -3.92 -7.96 -12.88
C TYR A 196 -3.47 -9.27 -13.52
N ARG A 197 -4.39 -10.19 -13.76
CA ARG A 197 -4.00 -11.49 -14.31
C ARG A 197 -3.40 -11.44 -15.68
N SER A 198 -3.92 -10.57 -16.56
CA SER A 198 -3.35 -10.44 -17.90
C SER A 198 -1.88 -10.03 -17.81
N ILE A 199 -1.56 -9.10 -16.92
CA ILE A 199 -0.19 -8.70 -16.77
C ILE A 199 0.65 -9.84 -16.18
N ILE A 200 0.18 -10.46 -15.10
CA ILE A 200 0.93 -11.55 -14.46
C ILE A 200 1.13 -12.78 -15.36
N LYS A 201 0.16 -13.14 -16.21
CA LYS A 201 0.35 -14.32 -17.06
C LYS A 201 1.48 -14.08 -18.04
N ASP A 202 1.56 -12.85 -18.52
CA ASP A 202 2.58 -12.41 -19.48
C ASP A 202 3.97 -12.50 -18.85
N TYR A 203 4.12 -12.00 -17.63
CA TYR A 203 5.42 -12.08 -16.98
C TYR A 203 5.75 -13.55 -16.72
N PHE A 204 4.75 -14.36 -16.38
CA PHE A 204 4.93 -15.79 -16.13
C PHE A 204 5.44 -16.46 -17.39
N HIS A 205 4.76 -16.21 -18.51
CA HIS A 205 5.24 -16.78 -19.79
C HIS A 205 6.67 -16.36 -20.06
N ARG A 206 7.04 -15.16 -19.62
CA ARG A 206 8.37 -14.65 -19.85
C ARG A 206 9.38 -15.03 -18.82
N GLY A 207 9.00 -15.93 -17.92
CA GLY A 207 9.97 -16.37 -16.95
C GLY A 207 9.82 -16.02 -15.48
N ALA A 208 8.94 -15.11 -15.11
CA ALA A 208 8.85 -14.78 -13.68
C ALA A 208 8.19 -15.90 -12.84
N LYS A 209 8.45 -15.93 -11.53
CA LYS A 209 7.82 -16.88 -10.62
C LYS A 209 6.54 -16.20 -10.18
N TRP A 210 5.47 -16.96 -10.03
CA TRP A 210 4.18 -16.40 -9.69
C TRP A 210 3.66 -17.17 -8.50
N THR A 211 3.36 -16.47 -7.42
CA THR A 211 2.87 -17.10 -6.21
C THR A 211 1.61 -16.38 -5.75
N THR A 212 0.60 -17.13 -5.34
CA THR A 212 -0.59 -16.53 -4.78
C THR A 212 -0.67 -17.07 -3.34
N ALA A 213 -0.54 -16.20 -2.35
CA ALA A 213 -0.63 -16.59 -0.95
C ALA A 213 -2.02 -17.16 -0.70
N PRO A 214 -2.19 -18.03 0.31
CA PRO A 214 -3.52 -18.58 0.56
C PRO A 214 -4.64 -17.57 0.73
N LYS A 215 -5.68 -17.73 -0.08
CA LYS A 215 -6.84 -16.87 -0.06
C LYS A 215 -7.73 -17.23 1.14
N PRO A 216 -8.00 -16.29 2.07
CA PRO A 216 -8.82 -16.58 3.23
C PRO A 216 -10.28 -16.85 2.86
N THR A 217 -11.05 -17.38 3.80
CA THR A 217 -12.47 -17.63 3.57
C THR A 217 -13.16 -16.29 3.80
N MET A 218 -12.59 -15.51 4.72
CA MET A 218 -13.14 -14.20 5.09
C MET A 218 -14.49 -14.38 5.77
N ALA A 219 -14.59 -15.48 6.52
CA ALA A 219 -15.78 -15.82 7.27
C ALA A 219 -15.78 -14.89 8.47
N ASP A 220 -16.95 -14.68 9.06
CA ASP A 220 -17.10 -13.81 10.22
C ASP A 220 -15.99 -14.01 11.25
N GLU A 221 -15.58 -15.26 11.39
CA GLU A 221 -14.54 -15.65 12.34
C GLU A 221 -13.24 -14.85 12.16
N LEU A 222 -13.04 -14.26 11.00
CA LEU A 222 -11.80 -13.52 10.78
C LEU A 222 -11.89 -12.11 11.37
N TYR A 223 -13.09 -11.66 11.68
CA TYR A 223 -13.28 -10.33 12.19
C TYR A 223 -13.82 -10.26 13.61
N ASN A 224 -13.33 -9.27 14.34
CA ASN A 224 -13.72 -8.98 15.71
C ASN A 224 -15.01 -8.20 15.67
N GLN A 225 -16.13 -8.92 15.67
CA GLN A 225 -17.43 -8.30 15.61
C GLN A 225 -17.56 -7.19 16.63
N ASP A 226 -16.90 -7.33 17.77
CA ASP A 226 -16.98 -6.30 18.80
C ASP A 226 -15.69 -5.50 19.03
N TYR A 227 -15.12 -5.02 17.93
CA TYR A 227 -13.92 -4.20 18.01
C TYR A 227 -14.42 -2.77 18.34
N PRO A 228 -13.65 -1.98 19.13
CA PRO A 228 -13.96 -0.61 19.56
C PRO A 228 -13.96 0.36 18.40
N ILE A 229 -14.76 0.04 17.39
CA ILE A 229 -14.88 0.81 16.17
C ILE A 229 -15.28 2.24 16.47
N HIS A 230 -16.61 2.48 16.39
CA HIS A 230 -17.34 3.76 16.59
C HIS A 230 -16.61 5.01 17.04
N SER A 231 -15.56 4.77 17.84
CA SER A 231 -14.61 5.72 18.42
C SER A 231 -14.44 5.15 19.80
N VAL A 232 -13.21 4.79 20.14
CA VAL A 232 -12.92 4.27 21.46
C VAL A 232 -11.51 4.55 21.90
N GLU A 233 -10.61 4.73 20.93
CA GLU A 233 -9.19 5.04 21.20
C GLU A 233 -8.35 4.14 22.10
N ASP A 234 -8.97 3.39 23.02
CA ASP A 234 -8.26 2.40 23.83
C ASP A 234 -7.86 1.30 22.83
N ARG A 235 -8.28 1.47 21.57
CA ARG A 235 -7.92 0.54 20.52
C ARG A 235 -6.40 0.63 20.39
N HIS A 236 -5.84 1.64 21.06
CA HIS A 236 -4.40 1.81 21.16
C HIS A 236 -3.90 0.70 22.08
N LYS A 237 -4.71 0.36 23.09
CA LYS A 237 -4.36 -0.68 24.06
C LYS A 237 -4.32 -2.05 23.38
N LEU A 238 -5.35 -2.33 22.58
CA LEU A 238 -5.39 -3.59 21.83
C LEU A 238 -4.20 -3.55 20.88
N ALA A 239 -4.01 -2.40 20.23
CA ALA A 239 -2.92 -2.16 19.29
C ALA A 239 -1.59 -2.56 19.89
N ALA A 240 -1.42 -2.20 21.15
CA ALA A 240 -0.22 -2.50 21.90
C ALA A 240 -0.11 -4.01 22.13
N GLN A 241 -1.26 -4.69 22.23
CA GLN A 241 -1.34 -6.13 22.43
C GLN A 241 -1.29 -6.88 21.09
N GLY A 242 -1.11 -6.14 19.99
CA GLY A 242 -1.06 -6.73 18.68
C GLY A 242 -2.45 -7.15 18.24
N LYS A 243 -3.46 -6.48 18.81
CA LYS A 243 -4.84 -6.80 18.50
C LYS A 243 -5.59 -5.70 17.75
N PHE A 244 -6.19 -6.11 16.63
CA PHE A 244 -6.93 -5.25 15.71
C PHE A 244 -8.29 -5.84 15.31
N VAL A 245 -8.89 -5.39 14.20
CA VAL A 245 -10.21 -5.91 13.80
C VAL A 245 -10.17 -7.31 13.16
N THR A 246 -8.99 -7.78 12.77
CA THR A 246 -8.87 -9.12 12.20
C THR A 246 -8.31 -10.04 13.25
N THR A 247 -8.88 -11.24 13.36
CA THR A 247 -8.43 -12.21 14.34
C THR A 247 -7.29 -13.00 13.73
N GLU A 248 -6.91 -14.09 14.38
CA GLU A 248 -5.86 -14.96 13.86
C GLU A 248 -6.51 -16.23 13.34
N PHE A 249 -7.76 -16.11 12.93
CA PHE A 249 -8.50 -17.25 12.40
C PHE A 249 -7.82 -17.98 11.24
N GLU A 250 -7.35 -17.23 10.26
CA GLU A 250 -6.69 -17.76 9.07
C GLU A 250 -5.73 -16.65 8.60
N PRO A 251 -4.71 -17.01 7.78
CA PRO A 251 -3.75 -15.98 7.32
C PRO A 251 -4.41 -14.93 6.43
N CYS A 252 -3.92 -13.70 6.55
CA CYS A 252 -4.43 -12.63 5.72
C CYS A 252 -3.44 -11.50 5.80
N PHE A 253 -3.31 -10.75 4.70
CA PHE A 253 -2.41 -9.60 4.63
C PHE A 253 -2.54 -8.82 3.33
N ASP A 254 -2.20 -7.52 3.40
CA ASP A 254 -2.16 -6.67 2.22
C ASP A 254 -0.66 -6.57 1.94
N ALA A 255 -0.27 -6.65 0.67
CA ALA A 255 1.15 -6.59 0.33
C ALA A 255 1.86 -5.33 0.84
N ALA A 256 1.13 -4.22 0.93
CA ALA A 256 1.70 -2.94 1.37
C ALA A 256 2.18 -2.81 2.81
N ASP A 257 1.93 -3.84 3.63
CA ASP A 257 2.36 -3.85 5.04
C ASP A 257 3.80 -4.36 5.12
N PHE A 258 4.33 -4.74 3.96
CA PHE A 258 5.69 -5.22 3.81
C PHE A 258 6.45 -4.14 3.00
N ILE A 259 7.70 -3.89 3.34
CA ILE A 259 8.49 -2.88 2.63
C ILE A 259 9.85 -3.53 2.51
N ARG A 260 10.39 -3.55 1.29
CA ARG A 260 11.64 -4.22 0.98
C ARG A 260 12.93 -3.41 1.01
N ALA A 261 13.92 -4.02 1.66
CA ALA A 261 15.27 -3.50 1.81
C ALA A 261 16.28 -4.62 1.50
N GLY A 262 16.20 -5.24 0.32
CA GLY A 262 17.13 -6.30 -0.05
C GLY A 262 16.80 -7.62 0.63
N ARG A 263 17.77 -8.17 1.36
CA ARG A 263 17.61 -9.42 2.10
C ARG A 263 16.73 -9.25 3.31
N ASP A 264 16.38 -8.03 3.65
CA ASP A 264 15.52 -7.79 4.81
C ASP A 264 14.20 -7.12 4.42
N ILE A 265 13.10 -7.66 4.91
CA ILE A 265 11.79 -7.12 4.60
C ILE A 265 11.12 -6.86 5.93
N PHE A 266 10.52 -5.68 6.08
CA PHE A 266 9.87 -5.32 7.33
C PHE A 266 8.39 -5.39 7.13
N ALA A 267 7.70 -5.92 8.14
CA ALA A 267 6.29 -6.10 8.07
C ALA A 267 5.68 -5.51 9.30
N GLN A 268 4.42 -5.11 9.20
CA GLN A 268 3.71 -4.58 10.35
C GLN A 268 2.36 -5.34 10.47
N ARG A 269 2.01 -5.72 11.69
CA ARG A 269 0.74 -6.39 11.98
C ARG A 269 -0.22 -5.22 11.95
N SER A 270 -1.15 -5.22 11.02
CA SER A 270 -2.07 -4.09 10.95
C SER A 270 -3.50 -4.57 11.06
N GLN A 271 -4.45 -3.70 10.71
CA GLN A 271 -5.84 -4.10 10.74
C GLN A 271 -6.09 -5.20 9.69
N VAL A 272 -5.27 -5.24 8.64
CA VAL A 272 -5.47 -6.18 7.52
C VAL A 272 -4.41 -7.25 7.37
N THR A 273 -3.35 -7.17 8.18
CA THR A 273 -2.25 -8.12 8.15
C THR A 273 -2.05 -8.75 9.53
N ASN A 274 -2.35 -10.05 9.67
CA ASN A 274 -2.20 -10.69 10.98
C ASN A 274 -0.91 -11.43 11.14
N TYR A 275 -0.65 -11.94 12.33
CA TYR A 275 0.58 -12.71 12.58
C TYR A 275 0.67 -13.97 11.73
N LEU A 276 -0.48 -14.54 11.42
CA LEU A 276 -0.53 -15.72 10.59
C LEU A 276 -0.05 -15.38 9.18
N GLY A 277 -0.49 -14.22 8.68
CA GLY A 277 -0.12 -13.73 7.35
C GLY A 277 1.37 -13.40 7.27
N ILE A 278 1.88 -12.77 8.32
CA ILE A 278 3.28 -12.44 8.38
C ILE A 278 4.12 -13.71 8.42
N GLU A 279 3.71 -14.67 9.25
CA GLU A 279 4.42 -15.95 9.38
C GLU A 279 4.41 -16.70 8.06
N TRP A 280 3.29 -16.63 7.33
CA TRP A 280 3.25 -17.29 6.04
C TRP A 280 4.36 -16.74 5.12
N MET A 281 4.46 -15.40 5.01
CA MET A 281 5.50 -14.76 4.20
C MET A 281 6.89 -15.11 4.68
N ARG A 282 7.13 -14.94 5.95
CA ARG A 282 8.44 -15.23 6.54
C ARG A 282 8.88 -16.66 6.16
N ARG A 283 7.98 -17.60 6.38
CA ARG A 283 8.22 -19.02 6.09
C ARG A 283 8.33 -19.29 4.60
N HIS A 284 7.61 -18.55 3.79
CA HIS A 284 7.69 -18.72 2.33
C HIS A 284 8.99 -18.16 1.70
N LEU A 285 9.56 -17.11 2.29
CA LEU A 285 10.75 -16.49 1.72
C LEU A 285 12.08 -16.94 2.32
N ALA A 286 12.00 -17.67 3.43
CA ALA A 286 13.19 -18.19 4.07
C ALA A 286 13.75 -19.26 3.14
N PRO A 287 15.06 -19.45 3.12
CA PRO A 287 16.13 -18.80 3.89
C PRO A 287 16.75 -17.50 3.28
N ASP A 288 16.43 -17.21 2.02
CA ASP A 288 17.01 -16.03 1.36
C ASP A 288 16.67 -14.65 1.93
N TYR A 289 15.42 -14.46 2.32
CA TYR A 289 14.97 -13.20 2.87
C TYR A 289 14.53 -13.35 4.32
N ARG A 290 14.78 -12.31 5.10
CA ARG A 290 14.42 -12.24 6.49
C ARG A 290 13.30 -11.24 6.61
N VAL A 291 12.16 -11.69 7.12
CA VAL A 291 10.99 -10.85 7.32
C VAL A 291 11.01 -10.49 8.81
N HIS A 292 10.96 -9.20 9.13
CA HIS A 292 11.01 -8.71 10.50
C HIS A 292 9.73 -7.98 10.74
N ILE A 293 9.30 -7.98 11.99
CA ILE A 293 8.07 -7.32 12.36
C ILE A 293 8.47 -6.07 13.14
N ILE A 294 7.83 -4.96 12.81
CA ILE A 294 8.11 -3.72 13.52
C ILE A 294 6.74 -3.11 13.75
N SER A 295 6.63 -2.30 14.79
CA SER A 295 5.36 -1.69 15.14
C SER A 295 5.52 -0.20 15.38
N PHE A 296 4.40 0.50 15.40
CA PHE A 296 4.39 1.94 15.57
C PHE A 296 3.25 2.34 16.45
N LYS A 297 3.25 3.61 16.86
CA LYS A 297 2.17 4.15 17.67
C LYS A 297 1.14 4.54 16.62
N ASP A 298 0.05 3.78 16.53
CA ASP A 298 -0.98 4.04 15.52
C ASP A 298 -2.27 3.27 15.90
N PRO A 299 -3.39 3.98 16.16
CA PRO A 299 -4.61 3.23 16.51
C PRO A 299 -5.35 2.66 15.31
N ASN A 300 -4.83 2.83 14.10
CA ASN A 300 -5.48 2.36 12.88
C ASN A 300 -4.49 2.09 11.75
N PRO A 301 -3.60 1.10 11.91
CA PRO A 301 -2.60 0.75 10.90
C PRO A 301 -3.14 -0.03 9.71
N MET A 302 -2.73 0.38 8.52
CA MET A 302 -3.11 -0.30 7.29
C MET A 302 -2.09 0.16 6.26
N HIS A 303 -1.18 -0.75 5.94
CA HIS A 303 -0.10 -0.48 4.99
C HIS A 303 0.97 0.30 5.77
N ILE A 304 2.23 0.05 5.43
CA ILE A 304 3.33 0.66 6.13
C ILE A 304 4.02 1.83 5.36
N ASP A 305 3.69 1.96 4.09
CA ASP A 305 4.28 2.98 3.23
C ASP A 305 3.92 4.47 3.41
N ALA A 306 3.14 4.79 4.44
CA ALA A 306 2.80 6.18 4.76
C ALA A 306 3.15 6.31 6.25
N THR A 307 4.02 5.42 6.70
CA THR A 307 4.44 5.38 8.09
C THR A 307 5.95 5.20 8.21
N PHE A 308 6.50 4.28 7.44
CA PHE A 308 7.92 3.99 7.47
C PHE A 308 8.30 3.68 6.01
N ASN A 309 8.51 4.73 5.23
CA ASN A 309 8.83 4.56 3.82
C ASN A 309 10.34 4.62 3.60
N ILE A 310 10.93 3.48 3.23
CA ILE A 310 12.38 3.35 2.99
C ILE A 310 12.72 3.86 1.59
N ILE A 311 13.52 4.92 1.52
CA ILE A 311 13.85 5.55 0.25
C ILE A 311 15.27 5.42 -0.23
N GLY A 312 16.09 4.66 0.47
CA GLY A 312 17.45 4.51 0.00
C GLY A 312 18.17 3.54 0.88
N PRO A 313 19.40 3.17 0.53
CA PRO A 313 20.19 2.22 1.32
C PRO A 313 20.50 2.81 2.67
N GLY A 314 19.74 2.45 3.68
CA GLY A 314 20.00 3.00 4.99
C GLY A 314 19.33 4.33 5.25
N ILE A 315 18.30 4.68 4.48
CA ILE A 315 17.59 5.95 4.71
C ILE A 315 16.11 5.65 4.73
N VAL A 316 15.41 6.20 5.73
CA VAL A 316 13.99 5.95 5.83
C VAL A 316 13.26 7.19 6.31
N LEU A 317 12.02 7.33 5.85
CA LEU A 317 11.12 8.41 6.22
C LEU A 317 10.19 7.84 7.30
N SER A 318 10.27 8.39 8.51
CA SER A 318 9.44 7.93 9.60
C SER A 318 8.41 9.01 9.90
N ASN A 319 7.13 8.62 9.87
CA ASN A 319 6.01 9.52 10.14
C ASN A 319 6.09 10.03 11.58
N PRO A 320 6.17 11.37 11.77
CA PRO A 320 6.25 12.00 13.09
C PRO A 320 5.15 11.52 14.06
N ASP A 321 3.94 11.30 13.54
CA ASP A 321 2.84 10.88 14.37
C ASP A 321 2.81 9.39 14.71
N ARG A 322 3.57 8.61 13.96
CA ARG A 322 3.61 7.16 14.10
C ARG A 322 5.03 6.65 14.37
N PRO A 323 5.55 6.93 15.56
CA PRO A 323 6.90 6.46 15.87
C PRO A 323 7.02 4.93 16.00
N CYS A 324 8.19 4.43 15.62
CA CYS A 324 8.50 3.02 15.63
C CYS A 324 9.03 2.58 16.97
N HIS A 325 8.40 1.56 17.55
CA HIS A 325 8.82 1.04 18.83
C HIS A 325 10.21 0.45 18.77
N GLN A 326 10.62 0.01 17.60
CA GLN A 326 11.94 -0.57 17.44
C GLN A 326 12.95 0.33 16.73
N ILE A 327 12.78 1.65 16.84
CA ILE A 327 13.71 2.56 16.14
C ILE A 327 15.20 2.35 16.43
N ASP A 328 15.52 1.75 17.58
CA ASP A 328 16.91 1.48 17.95
C ASP A 328 17.62 0.45 17.07
N LEU A 329 16.86 -0.47 16.50
CA LEU A 329 17.45 -1.46 15.61
C LEU A 329 18.13 -0.67 14.49
N PHE A 330 17.40 0.32 13.99
CA PHE A 330 17.84 1.16 12.90
C PHE A 330 18.93 2.17 13.26
N LYS A 331 18.82 2.82 14.43
CA LYS A 331 19.85 3.76 14.87
C LYS A 331 21.16 3.00 15.00
N LYS A 332 21.09 1.81 15.61
CA LYS A 332 22.26 0.94 15.78
C LYS A 332 22.88 0.42 14.49
N ALA A 333 22.05 0.22 13.47
CA ALA A 333 22.52 -0.24 12.15
C ALA A 333 23.14 0.93 11.36
N GLY A 334 23.04 2.14 11.92
CA GLY A 334 23.60 3.33 11.29
C GLY A 334 22.75 3.88 10.16
N TRP A 335 21.44 3.75 10.30
CA TRP A 335 20.51 4.21 9.30
C TRP A 335 20.14 5.65 9.61
N THR A 336 19.81 6.40 8.58
CA THR A 336 19.40 7.79 8.71
C THR A 336 17.89 7.83 8.81
N ILE A 337 17.36 8.32 9.92
CA ILE A 337 15.92 8.43 10.05
C ILE A 337 15.49 9.89 9.87
N ILE A 338 14.83 10.14 8.75
CA ILE A 338 14.33 11.46 8.37
C ILE A 338 12.85 11.61 8.74
N THR A 339 12.49 12.66 9.47
CA THR A 339 11.07 12.88 9.76
C THR A 339 10.56 14.04 8.84
N PRO A 340 9.59 13.73 7.95
CA PRO A 340 9.05 14.74 7.04
C PRO A 340 8.26 15.83 7.75
N PRO A 341 7.91 16.88 7.01
CA PRO A 341 7.14 18.02 7.52
C PRO A 341 5.69 17.60 7.40
N THR A 342 4.79 18.35 8.01
CA THR A 342 3.37 18.05 7.94
C THR A 342 2.74 18.29 6.56
N PRO A 343 1.73 17.48 6.19
CA PRO A 343 1.05 17.61 4.90
C PRO A 343 0.38 18.96 4.88
N ILE A 344 0.22 19.53 3.69
CA ILE A 344 -0.44 20.83 3.60
C ILE A 344 -1.80 20.72 2.91
N ILE A 345 -2.20 19.49 2.59
CA ILE A 345 -3.49 19.25 1.94
C ILE A 345 -4.59 19.86 2.86
N PRO A 346 -5.53 20.61 2.27
CA PRO A 346 -6.62 21.24 3.02
C PRO A 346 -7.47 20.17 3.71
N ASP A 347 -8.01 20.51 4.88
CA ASP A 347 -8.85 19.60 5.62
C ASP A 347 -10.17 19.37 4.92
N ASP A 348 -10.51 20.24 3.98
CA ASP A 348 -11.77 20.12 3.26
C ASP A 348 -11.71 19.23 2.03
N HIS A 349 -10.53 18.71 1.71
CA HIS A 349 -10.41 17.83 0.56
C HIS A 349 -10.73 16.40 1.01
N PRO A 350 -11.60 15.69 0.26
CA PRO A 350 -12.01 14.31 0.59
C PRO A 350 -10.89 13.29 0.52
N LEU A 351 -10.62 12.70 1.68
CA LEU A 351 -9.64 11.65 1.84
C LEU A 351 -10.43 10.50 2.48
N TRP A 352 -11.24 9.84 1.65
CA TRP A 352 -12.13 8.76 2.05
C TRP A 352 -11.54 7.51 2.65
N MET A 353 -10.41 7.08 2.12
CA MET A 353 -9.76 5.85 2.55
C MET A 353 -8.47 6.04 3.32
N SER A 354 -8.14 7.26 3.70
CA SER A 354 -6.84 7.48 4.29
C SER A 354 -6.69 8.68 5.20
N SER A 355 -5.45 8.89 5.64
CA SER A 355 -5.08 10.02 6.46
C SER A 355 -4.42 11.04 5.51
N LYS A 356 -3.91 12.12 6.08
CA LYS A 356 -3.26 13.19 5.34
C LYS A 356 -1.85 12.86 4.91
N TRP A 357 -1.23 11.89 5.59
CA TRP A 357 0.16 11.51 5.32
C TRP A 357 0.56 10.91 4.00
N LEU A 358 -0.29 11.03 3.00
CA LEU A 358 0.00 10.50 1.68
C LEU A 358 1.17 11.24 1.06
N SER A 359 1.49 12.38 1.65
CA SER A 359 2.59 13.23 1.18
C SER A 359 3.95 12.55 1.26
N MET A 360 4.11 11.65 2.24
CA MET A 360 5.38 10.93 2.40
C MET A 360 5.39 9.56 1.69
N ASN A 361 4.26 9.24 1.07
CA ASN A 361 4.08 8.01 0.32
C ASN A 361 4.72 8.23 -1.05
N VAL A 362 5.99 8.62 -1.07
CA VAL A 362 6.70 8.89 -2.31
C VAL A 362 7.15 7.65 -3.04
N LEU A 363 7.51 7.81 -4.32
CA LEU A 363 7.99 6.75 -5.17
C LEU A 363 9.39 7.17 -5.67
N MET A 364 10.40 6.33 -5.46
CA MET A 364 11.75 6.63 -5.89
C MET A 364 12.01 6.05 -7.28
N LEU A 365 12.43 6.88 -8.23
CA LEU A 365 12.74 6.38 -9.57
C LEU A 365 14.14 5.80 -9.48
N ASP A 366 14.90 6.33 -8.54
CA ASP A 366 16.23 5.85 -8.25
C ASP A 366 16.61 6.53 -6.95
N GLU A 367 17.82 6.31 -6.48
CA GLU A 367 18.23 6.92 -5.23
C GLU A 367 18.18 8.43 -5.14
N LYS A 368 18.44 9.12 -6.24
CA LYS A 368 18.43 10.57 -6.22
C LYS A 368 17.27 11.21 -6.94
N ARG A 369 16.23 10.44 -7.25
CA ARG A 369 15.06 10.97 -7.94
C ARG A 369 13.81 10.46 -7.29
N VAL A 370 12.98 11.39 -6.81
CA VAL A 370 11.72 11.02 -6.17
C VAL A 370 10.52 11.70 -6.86
N MET A 371 9.42 10.95 -7.03
CA MET A 371 8.19 11.47 -7.61
C MET A 371 7.37 11.90 -6.38
N VAL A 372 7.21 13.21 -6.21
CA VAL A 372 6.54 13.76 -5.05
C VAL A 372 5.36 14.59 -5.51
N ASP A 373 4.40 14.82 -4.63
CA ASP A 373 3.21 15.59 -4.98
C ASP A 373 3.52 17.08 -5.20
N ALA A 374 3.05 17.61 -6.32
CA ALA A 374 3.24 19.00 -6.72
C ALA A 374 2.80 19.99 -5.66
N ASN A 375 1.79 19.63 -4.87
CA ASN A 375 1.26 20.52 -3.87
C ASN A 375 2.00 20.55 -2.56
N GLU A 376 2.82 19.55 -2.30
CA GLU A 376 3.51 19.48 -1.02
C GLU A 376 4.87 20.12 -1.05
N VAL A 377 4.88 21.44 -1.06
CA VAL A 377 6.13 22.18 -1.13
C VAL A 377 7.11 21.89 -0.01
N PRO A 378 6.64 21.88 1.24
CA PRO A 378 7.56 21.60 2.35
C PRO A 378 8.31 20.27 2.20
N ILE A 379 7.62 19.19 1.86
CA ILE A 379 8.33 17.94 1.71
C ILE A 379 9.24 17.99 0.48
N GLN A 380 8.90 18.83 -0.51
CA GLN A 380 9.75 18.99 -1.71
C GLN A 380 11.06 19.64 -1.34
N LYS A 381 10.98 20.66 -0.50
CA LYS A 381 12.15 21.37 -0.05
C LYS A 381 13.11 20.45 0.68
N MET A 382 12.54 19.58 1.51
CA MET A 382 13.30 18.58 2.29
C MET A 382 14.11 17.66 1.39
N PHE A 383 13.48 17.16 0.32
CA PHE A 383 14.20 16.31 -0.60
C PHE A 383 15.25 17.12 -1.33
N GLU A 384 14.95 18.37 -1.64
CA GLU A 384 15.93 19.20 -2.33
C GLU A 384 17.19 19.48 -1.51
N LYS A 385 17.04 19.76 -0.22
CA LYS A 385 18.23 20.00 0.62
C LYS A 385 19.08 18.73 0.75
N LEU A 386 18.43 17.58 0.56
CA LEU A 386 19.10 16.29 0.61
C LEU A 386 19.79 15.90 -0.72
N GLY A 387 19.63 16.73 -1.74
CA GLY A 387 20.26 16.44 -3.02
C GLY A 387 19.46 15.45 -3.86
N ILE A 388 18.16 15.39 -3.59
CA ILE A 388 17.26 14.49 -4.30
C ILE A 388 16.37 15.28 -5.25
N THR A 389 16.50 14.96 -6.53
CA THR A 389 15.74 15.58 -7.60
C THR A 389 14.26 15.25 -7.44
N THR A 390 13.43 16.28 -7.32
CA THR A 390 12.00 16.07 -7.16
C THR A 390 11.25 16.20 -8.48
N ILE A 391 10.41 15.21 -8.79
CA ILE A 391 9.62 15.19 -10.00
C ILE A 391 8.21 15.39 -9.47
N LYS A 392 7.70 16.59 -9.68
CA LYS A 392 6.42 16.99 -9.16
C LYS A 392 5.25 16.63 -10.03
N VAL A 393 4.39 15.75 -9.50
CA VAL A 393 3.18 15.33 -10.22
C VAL A 393 2.04 15.63 -9.26
N ASN A 394 0.92 16.10 -9.79
CA ASN A 394 -0.20 16.42 -8.93
C ASN A 394 -1.23 15.30 -8.95
N ILE A 395 -1.58 14.78 -7.78
CA ILE A 395 -2.57 13.71 -7.70
C ILE A 395 -3.50 13.96 -6.54
N ARG A 396 -3.87 15.22 -6.38
CA ARG A 396 -4.75 15.63 -5.32
C ARG A 396 -6.04 14.80 -5.32
N ASN A 397 -6.64 14.58 -6.48
CA ASN A 397 -7.89 13.82 -6.51
C ASN A 397 -7.75 12.30 -6.39
N ALA A 398 -6.64 11.77 -6.92
CA ALA A 398 -6.35 10.35 -6.86
C ALA A 398 -6.08 10.01 -5.38
N ASN A 399 -5.62 11.01 -4.62
CA ASN A 399 -5.34 10.88 -3.20
C ASN A 399 -6.60 10.43 -2.48
N SER A 400 -7.76 10.88 -2.97
CA SER A 400 -9.03 10.56 -2.32
C SER A 400 -9.32 9.07 -2.28
N LEU A 401 -8.82 8.33 -3.27
CA LEU A 401 -9.03 6.89 -3.32
C LEU A 401 -8.16 6.14 -2.31
N GLY A 402 -7.19 6.85 -1.72
CA GLY A 402 -6.37 6.24 -0.69
C GLY A 402 -4.87 6.14 -0.81
N GLY A 403 -4.28 6.64 -1.88
CA GLY A 403 -2.83 6.53 -2.00
C GLY A 403 -2.07 7.62 -2.70
N GLY A 404 -0.75 7.58 -2.50
CA GLY A 404 0.17 8.52 -3.10
C GLY A 404 0.84 7.73 -4.21
N PHE A 405 2.07 8.08 -4.56
CA PHE A 405 2.73 7.38 -5.64
C PHE A 405 3.12 5.97 -5.32
N HIS A 406 3.62 5.75 -4.11
CA HIS A 406 4.03 4.40 -3.73
C HIS A 406 2.82 3.47 -3.75
N ALA A 407 1.67 3.96 -3.36
CA ALA A 407 0.47 3.16 -3.35
C ALA A 407 -0.13 2.91 -4.74
N TRP A 408 -0.07 3.90 -5.63
CA TRP A 408 -0.64 3.75 -6.98
C TRP A 408 0.19 2.88 -7.93
N THR A 409 1.37 2.47 -7.47
CA THR A 409 2.27 1.68 -8.30
C THR A 409 2.78 0.37 -7.69
N CYS A 410 3.46 -0.41 -8.52
CA CYS A 410 4.12 -1.64 -8.13
C CYS A 410 5.34 -1.77 -9.03
N ASP A 411 6.52 -1.67 -8.45
CA ASP A 411 7.76 -1.80 -9.19
C ASP A 411 8.06 -3.26 -9.54
N VAL A 412 7.98 -3.54 -10.82
CA VAL A 412 8.24 -4.85 -11.38
C VAL A 412 9.73 -5.10 -11.60
N ARG A 413 10.42 -4.07 -12.09
CA ARG A 413 11.85 -4.19 -12.36
C ARG A 413 12.64 -2.96 -12.06
N ARG A 414 13.69 -3.14 -11.28
CA ARG A 414 14.63 -2.10 -10.91
C ARG A 414 16.01 -2.69 -11.23
N ARG A 415 16.96 -1.85 -11.62
CA ARG A 415 18.29 -2.35 -11.94
C ARG A 415 19.13 -2.46 -10.67
N GLY A 416 19.54 -3.68 -10.33
CA GLY A 416 20.34 -3.89 -9.14
C GLY A 416 20.50 -5.31 -8.64
N THR A 417 21.11 -5.47 -7.48
CA THR A 417 21.34 -6.79 -6.91
C THR A 417 20.79 -6.97 -5.51
N LEU A 418 20.68 -8.23 -5.09
CA LEU A 418 20.17 -8.54 -3.77
C LEU A 418 21.29 -8.25 -2.81
N GLN A 419 21.06 -7.35 -1.87
CA GLN A 419 22.10 -7.02 -0.92
C GLN A 419 21.50 -6.87 0.44
N SER A 420 22.37 -6.72 1.41
CA SER A 420 21.99 -6.48 2.79
C SER A 420 22.36 -5.01 3.11
N TYR A 421 21.50 -4.32 3.86
CA TYR A 421 21.69 -2.92 4.23
C TYR A 421 21.63 -2.71 5.75
N LEU A 422 21.21 -3.76 6.47
CA LEU A 422 21.10 -3.74 7.92
C LEU A 422 22.43 -4.28 8.44
N ASP A 423 23.14 -4.94 7.53
CA ASP A 423 24.43 -5.54 7.80
C ASP A 423 25.48 -4.42 7.84
#